data_6ZM0
#
_entry.id   6ZM0
#
_cell.length_a   49.000
_cell.length_b   49.000
_cell.length_c   116.241
_cell.angle_alpha   90.000
_cell.angle_beta   90.000
_cell.angle_gamma   120.000
#
_symmetry.space_group_name_H-M   'P 31 2 1'
#
loop_
_entity.id
_entity.type
_entity.pdbx_description
1 polymer 'Cell shape-determining protein MreC'
2 non-polymer 'MAGNESIUM ION'
3 non-polymer 'CHLORIDE ION'
4 water water
#
_entity_poly.entity_id   1
_entity_poly.type   'polypeptide(L)'
_entity_poly.pdbx_seq_one_letter_code
;GSLVDDKVLVSELIGVDPNPFTQRIMIDKGENDGVFVGQPVLDASGLMGQVVEVMPYTARVLLLTDTTHSIPVQVNRNGL
RAIAVGTGNPERLELRYVADTADIKEGDLLVSSGLGQRFPAGYPVATVKEVIHDSGQPFAVVRAVPTAKMNRSRYVLLVF
SDSR
;
_entity_poly.pdbx_strand_id   AAA
#
# COMPACT_ATOMS: atom_id res chain seq x y z
N ASP A 6 10.91 -14.94 -0.92
CA ASP A 6 10.87 -16.12 -1.83
C ASP A 6 9.68 -17.01 -1.44
N LYS A 7 9.65 -17.54 -0.21
CA LYS A 7 8.50 -18.31 0.30
C LYS A 7 7.30 -17.37 0.43
N VAL A 8 6.18 -17.73 -0.19
CA VAL A 8 4.91 -16.96 -0.13
C VAL A 8 3.85 -17.86 0.52
N LEU A 9 3.28 -17.40 1.62
CA LEU A 9 2.16 -18.06 2.34
C LEU A 9 0.85 -17.44 1.87
N VAL A 10 -0.10 -18.28 1.50
CA VAL A 10 -1.45 -17.84 1.04
C VAL A 10 -2.38 -17.87 2.27
N SER A 11 -2.96 -16.70 2.60
CA SER A 11 -3.95 -16.51 3.70
C SER A 11 -5.26 -16.00 3.14
N GLU A 12 -6.32 -16.14 3.94
CA GLU A 12 -7.68 -15.68 3.62
C GLU A 12 -7.98 -14.46 4.47
N LEU A 13 -8.57 -13.44 3.86
CA LEU A 13 -9.10 -12.28 4.61
C LEU A 13 -10.36 -12.72 5.34
N ILE A 14 -10.34 -12.66 6.68
CA ILE A 14 -11.44 -13.22 7.52
C ILE A 14 -12.15 -12.10 8.28
N GLY A 15 -11.62 -10.87 8.25
CA GLY A 15 -12.26 -9.69 8.86
C GLY A 15 -11.79 -8.36 8.28
N VAL A 16 -12.71 -7.40 8.21
CA VAL A 16 -12.42 -5.96 7.97
C VAL A 16 -12.75 -5.21 9.25
N ASP A 17 -11.75 -4.54 9.82
CA ASP A 17 -11.90 -3.73 11.05
C ASP A 17 -12.96 -2.67 10.78
N PRO A 18 -14.13 -2.74 11.46
CA PRO A 18 -15.24 -1.84 11.14
C PRO A 18 -15.04 -0.39 11.62
N ASN A 19 -13.99 -0.13 12.39
CA ASN A 19 -13.60 1.23 12.83
C ASN A 19 -13.55 2.12 11.59
N PRO A 20 -14.40 3.15 11.49
CA PRO A 20 -14.41 4.00 10.29
C PRO A 20 -13.08 4.76 10.09
N PHE A 21 -12.27 4.87 11.14
CA PHE A 21 -11.01 5.65 11.14
C PHE A 21 -9.79 4.79 10.82
N THR A 22 -10.00 3.54 10.44
CA THR A 22 -8.92 2.60 10.11
C THR A 22 -9.15 2.02 8.74
N GLN A 23 -8.07 1.66 8.07
CA GLN A 23 -8.11 0.68 6.96
C GLN A 23 -7.23 -0.49 7.39
N ARG A 24 -7.86 -1.51 7.97
CA ARG A 24 -7.19 -2.58 8.72
C ARG A 24 -8.00 -3.85 8.51
N ILE A 25 -7.32 -4.98 8.29
CA ILE A 25 -8.00 -6.27 8.06
C ILE A 25 -7.44 -7.34 9.01
N MET A 26 -8.07 -8.49 9.01
CA MET A 26 -7.64 -9.67 9.77
C MET A 26 -7.51 -10.84 8.80
N ILE A 27 -6.43 -11.62 8.93
CA ILE A 27 -6.12 -12.78 8.04
C ILE A 27 -6.05 -14.05 8.88
N ASP A 28 -6.05 -15.20 8.22
CA ASP A 28 -6.23 -16.52 8.90
C ASP A 28 -4.89 -17.26 9.00
N LYS A 29 -3.79 -16.51 9.09
CA LYS A 29 -2.47 -17.06 9.46
C LYS A 29 -1.87 -16.24 10.61
N GLY A 30 -1.09 -16.88 11.47
CA GLY A 30 -0.52 -16.22 12.65
C GLY A 30 0.83 -16.80 13.05
N GLU A 31 1.17 -16.66 14.33
CA GLU A 31 2.45 -17.10 14.94
C GLU A 31 2.78 -18.55 14.51
N ASN A 32 1.79 -19.43 14.55
CA ASN A 32 1.96 -20.90 14.32
C ASN A 32 2.38 -21.14 12.86
N ASP A 33 2.13 -20.17 11.98
CA ASP A 33 2.40 -20.21 10.52
C ASP A 33 3.63 -19.36 10.19
N GLY A 34 4.23 -18.73 11.21
CA GLY A 34 5.49 -17.98 11.10
C GLY A 34 5.28 -16.51 10.79
N VAL A 35 4.03 -16.06 10.73
CA VAL A 35 3.69 -14.64 10.48
C VAL A 35 4.34 -13.79 11.55
N PHE A 36 4.88 -12.63 11.18
CA PHE A 36 5.56 -11.70 12.10
C PHE A 36 5.17 -10.26 11.86
N VAL A 37 5.28 -9.44 12.91
CA VAL A 37 5.00 -7.97 12.87
C VAL A 37 6.00 -7.31 11.91
N GLY A 38 5.48 -6.49 10.98
CA GLY A 38 6.28 -5.83 9.94
C GLY A 38 6.23 -6.58 8.62
N GLN A 39 5.71 -7.81 8.63
CA GLN A 39 5.70 -8.67 7.42
C GLN A 39 4.85 -8.01 6.33
N PRO A 40 5.37 -7.90 5.10
CA PRO A 40 4.60 -7.34 4.00
C PRO A 40 3.49 -8.30 3.54
N VAL A 41 2.39 -7.71 3.08
CA VAL A 41 1.17 -8.42 2.64
C VAL A 41 0.79 -7.87 1.25
N LEU A 42 0.51 -8.73 0.30
CA LEU A 42 0.13 -8.25 -1.05
C LEU A 42 -0.88 -9.22 -1.66
N ASP A 43 -1.48 -8.81 -2.77
CA ASP A 43 -2.34 -9.68 -3.59
C ASP A 43 -1.81 -9.68 -5.02
N ALA A 44 -2.49 -10.40 -5.92
CA ALA A 44 -2.06 -10.63 -7.31
C ALA A 44 -1.91 -9.31 -8.10
N SER A 45 -2.41 -8.17 -7.61
CA SER A 45 -2.28 -6.91 -8.38
C SER A 45 -1.74 -5.74 -7.56
N GLY A 46 -1.37 -5.94 -6.29
CA GLY A 46 -0.72 -4.84 -5.55
C GLY A 46 -0.25 -5.21 -4.15
N LEU A 47 0.66 -4.38 -3.63
CA LEU A 47 0.98 -4.36 -2.18
C LEU A 47 -0.24 -3.91 -1.39
N MET A 48 -0.54 -4.56 -0.28
CA MET A 48 -1.74 -4.28 0.53
C MET A 48 -1.35 -3.52 1.78
N GLY A 49 -0.21 -3.85 2.40
CA GLY A 49 0.19 -3.26 3.69
C GLY A 49 1.11 -4.18 4.45
N GLN A 50 1.02 -4.12 5.78
CA GLN A 50 1.96 -4.86 6.63
C GLN A 50 1.26 -5.37 7.88
N VAL A 51 1.73 -6.51 8.37
CA VAL A 51 1.24 -7.13 9.64
C VAL A 51 1.59 -6.16 10.77
N VAL A 52 0.62 -5.86 11.63
CA VAL A 52 0.86 -4.96 12.81
C VAL A 52 0.63 -5.70 14.12
N GLU A 53 -0.04 -6.86 14.11
CA GLU A 53 -0.20 -7.70 15.33
C GLU A 53 -0.41 -9.15 14.94
N VAL A 54 0.18 -10.07 15.72
CA VAL A 54 0.16 -11.52 15.44
C VAL A 54 -0.51 -12.23 16.60
N MET A 55 -1.46 -13.09 16.29
CA MET A 55 -2.12 -14.03 17.22
C MET A 55 -1.74 -15.45 16.79
N PRO A 56 -2.14 -16.49 17.55
CA PRO A 56 -1.58 -17.81 17.30
C PRO A 56 -1.88 -18.35 15.90
N TYR A 57 -3.09 -18.12 15.38
CA TYR A 57 -3.52 -18.69 14.07
C TYR A 57 -4.06 -17.59 13.16
N THR A 58 -4.02 -16.32 13.59
CA THR A 58 -4.57 -15.15 12.84
C THR A 58 -3.68 -13.94 13.02
N ALA A 59 -3.93 -12.86 12.27
CA ALA A 59 -3.11 -11.63 12.40
C ALA A 59 -3.89 -10.41 11.95
N ARG A 60 -3.47 -9.24 12.41
CA ARG A 60 -4.04 -7.92 12.00
C ARG A 60 -3.09 -7.25 11.00
N VAL A 61 -3.64 -6.68 9.94
CA VAL A 61 -2.85 -6.07 8.84
C VAL A 61 -3.32 -4.62 8.65
N LEU A 62 -2.39 -3.69 8.67
CA LEU A 62 -2.62 -2.25 8.38
C LEU A 62 -2.49 -2.04 6.88
N LEU A 63 -3.53 -1.55 6.21
CA LEU A 63 -3.51 -1.34 4.74
C LEU A 63 -2.83 -0.01 4.39
N LEU A 64 -2.36 0.06 3.15
CA LEU A 64 -1.69 1.28 2.62
C LEU A 64 -2.60 2.49 2.71
N THR A 65 -3.90 2.28 2.64
CA THR A 65 -4.92 3.36 2.57
C THR A 65 -5.19 3.99 3.96
N ASP A 66 -4.69 3.40 5.05
CA ASP A 66 -4.84 3.98 6.41
C ASP A 66 -4.12 5.34 6.45
N THR A 67 -4.71 6.34 7.10
CA THR A 67 -4.11 7.69 7.22
C THR A 67 -2.74 7.62 7.88
N THR A 68 -2.47 6.60 8.71
CA THR A 68 -1.19 6.47 9.44
C THR A 68 -0.14 5.77 8.58
N HIS A 69 -0.49 5.27 7.39
CA HIS A 69 0.43 4.45 6.56
C HIS A 69 1.09 5.31 5.49
N SER A 70 2.37 5.07 5.26
CA SER A 70 3.13 5.69 4.15
C SER A 70 4.05 4.64 3.57
N ILE A 71 4.24 4.69 2.28
CA ILE A 71 5.14 3.76 1.56
C ILE A 71 5.90 4.55 0.51
N PRO A 72 7.23 4.41 0.47
CA PRO A 72 8.01 4.94 -0.64
C PRO A 72 7.63 4.26 -1.96
N VAL A 73 7.40 5.04 -3.01
CA VAL A 73 7.05 4.52 -4.34
C VAL A 73 7.87 5.23 -5.40
N GLN A 74 7.75 4.75 -6.62
CA GLN A 74 8.30 5.44 -7.80
C GLN A 74 7.40 5.21 -9.00
N VAL A 75 7.38 6.16 -9.91
CA VAL A 75 6.69 6.02 -11.22
C VAL A 75 7.48 4.98 -12.03
N ASN A 76 6.79 3.93 -12.43
CA ASN A 76 7.43 2.73 -13.06
C ASN A 76 8.23 3.19 -14.28
N ARG A 77 7.65 4.04 -15.12
CA ARG A 77 8.20 4.35 -16.46
C ARG A 77 9.43 5.28 -16.40
N ASN A 78 9.68 6.04 -15.33
CA ASN A 78 10.79 7.05 -15.29
C ASN A 78 11.50 7.13 -13.92
N GLY A 79 11.04 6.44 -12.89
CA GLY A 79 11.80 6.27 -11.62
C GLY A 79 11.61 7.45 -10.68
N LEU A 80 10.69 8.35 -11.01
CA LEU A 80 10.33 9.54 -10.18
C LEU A 80 9.86 9.04 -8.81
N ARG A 81 10.47 9.54 -7.72
CA ARG A 81 10.24 9.02 -6.36
C ARG A 81 9.17 9.87 -5.67
N ALA A 82 8.46 9.26 -4.75
CA ALA A 82 7.39 9.93 -3.99
C ALA A 82 7.09 9.08 -2.75
N ILE A 83 6.36 9.66 -1.82
CA ILE A 83 5.83 8.92 -0.65
C ILE A 83 4.33 8.80 -0.85
N ALA A 84 3.79 7.59 -0.85
CA ALA A 84 2.33 7.35 -0.99
C ALA A 84 1.74 7.20 0.40
N VAL A 85 0.87 8.14 0.77
CA VAL A 85 0.20 8.11 2.09
C VAL A 85 -1.22 7.62 1.94
N GLY A 86 -1.70 6.90 2.95
CA GLY A 86 -3.13 6.56 3.04
C GLY A 86 -3.95 7.80 3.27
N THR A 87 -5.17 7.82 2.76
CA THR A 87 -6.14 8.94 2.88
C THR A 87 -7.29 8.62 3.83
N GLY A 88 -7.41 7.39 4.32
CA GLY A 88 -8.58 6.94 5.10
C GLY A 88 -9.72 6.45 4.21
N ASN A 89 -9.67 6.80 2.93
CA ASN A 89 -10.60 6.27 1.91
C ASN A 89 -10.09 4.93 1.41
N PRO A 90 -10.99 3.93 1.25
CA PRO A 90 -10.56 2.56 0.99
C PRO A 90 -9.85 2.38 -0.37
N GLU A 91 -10.06 3.30 -1.30
CA GLU A 91 -9.52 3.13 -2.68
C GLU A 91 -8.72 4.36 -3.09
N ARG A 92 -8.10 5.07 -2.14
CA ARG A 92 -7.33 6.28 -2.50
C ARG A 92 -6.01 6.33 -1.73
N LEU A 93 -4.95 6.73 -2.44
CA LEU A 93 -3.66 7.16 -1.83
C LEU A 93 -3.37 8.56 -2.34
N GLU A 94 -2.50 9.30 -1.66
CA GLU A 94 -1.99 10.58 -2.19
C GLU A 94 -0.47 10.53 -2.20
N LEU A 95 0.16 11.15 -3.19
CA LEU A 95 1.64 11.17 -3.31
C LEU A 95 2.15 12.49 -2.76
N ARG A 96 3.19 12.40 -1.95
CA ARG A 96 3.85 13.57 -1.34
C ARG A 96 5.22 13.75 -2.01
N TYR A 97 5.67 14.98 -2.08
CA TYR A 97 7.05 15.37 -2.46
C TYR A 97 7.23 15.22 -3.97
N VAL A 98 6.15 15.37 -4.75
CA VAL A 98 6.23 15.38 -6.25
C VAL A 98 6.25 16.83 -6.74
N ALA A 99 7.37 17.25 -7.33
CA ALA A 99 7.56 18.62 -7.86
C ALA A 99 6.34 19.01 -8.70
N ASP A 100 5.92 20.28 -8.63
CA ASP A 100 4.71 20.81 -9.32
C ASP A 100 4.83 20.56 -10.83
N THR A 101 6.07 20.51 -11.34
CA THR A 101 6.39 20.38 -12.79
C THR A 101 6.79 18.95 -13.13
N ALA A 102 6.73 18.02 -12.15
CA ALA A 102 7.20 16.62 -12.33
C ALA A 102 6.49 16.00 -13.57
N ASP A 103 7.30 15.04 -14.24
CA ASP A 103 6.77 14.15 -15.30
C ASP A 103 5.94 13.03 -14.63
N ILE A 104 4.68 13.35 -14.35
CA ILE A 104 3.67 12.41 -13.80
C ILE A 104 2.32 12.78 -14.39
N LYS A 105 1.48 11.78 -14.64
CA LYS A 105 0.17 11.96 -15.31
C LYS A 105 -0.78 10.82 -14.95
N GLU A 106 -2.06 11.06 -15.18
CA GLU A 106 -3.12 10.06 -14.99
C GLU A 106 -2.72 8.79 -15.74
N GLY A 107 -2.84 7.64 -15.04
CA GLY A 107 -2.63 6.31 -15.62
C GLY A 107 -1.24 5.80 -15.36
N ASP A 108 -0.33 6.67 -14.89
CA ASP A 108 1.03 6.23 -14.51
C ASP A 108 0.93 5.19 -13.40
N LEU A 109 1.71 4.11 -13.52
CA LEU A 109 1.81 3.07 -12.48
C LEU A 109 2.85 3.50 -11.45
N LEU A 110 2.48 3.43 -10.18
CA LEU A 110 3.42 3.55 -9.06
C LEU A 110 3.76 2.14 -8.56
N VAL A 111 5.06 1.88 -8.39
CA VAL A 111 5.60 0.63 -7.78
C VAL A 111 6.39 0.97 -6.52
N SER A 112 6.51 0.01 -5.61
CA SER A 112 7.33 0.14 -4.39
C SER A 112 8.77 0.44 -4.80
N SER A 113 9.44 1.32 -4.06
CA SER A 113 10.87 1.64 -4.28
C SER A 113 11.75 0.83 -3.32
N GLY A 114 11.18 0.35 -2.20
CA GLY A 114 11.93 -0.36 -1.15
C GLY A 114 12.82 0.58 -0.33
N LEU A 115 12.69 1.91 -0.51
CA LEU A 115 13.67 2.88 0.04
C LEU A 115 13.49 3.02 1.56
N GLY A 116 12.38 2.51 2.10
CA GLY A 116 12.12 2.47 3.55
C GLY A 116 12.55 1.16 4.17
N GLN A 117 13.02 0.23 3.34
CA GLN A 117 13.52 -1.11 3.76
C GLN A 117 12.39 -1.88 4.46
N ARG A 118 11.13 -1.64 4.08
CA ARG A 118 9.97 -2.31 4.69
C ARG A 118 9.28 -3.21 3.66
N PHE A 119 9.28 -2.83 2.38
CA PHE A 119 8.57 -3.56 1.29
C PHE A 119 9.55 -3.99 0.23
N PRO A 120 9.24 -5.10 -0.51
CA PRO A 120 10.04 -5.48 -1.67
C PRO A 120 9.86 -4.40 -2.77
N ALA A 121 10.92 -4.07 -3.47
CA ALA A 121 10.90 -3.06 -4.55
C ALA A 121 10.27 -3.66 -5.81
N GLY A 122 9.61 -2.83 -6.62
CA GLY A 122 9.23 -3.14 -8.00
C GLY A 122 7.81 -3.66 -8.12
N TYR A 123 7.11 -3.82 -7.02
CA TYR A 123 5.74 -4.39 -7.07
C TYR A 123 4.73 -3.26 -7.24
N PRO A 124 3.68 -3.49 -8.04
CA PRO A 124 2.63 -2.50 -8.23
C PRO A 124 1.99 -2.07 -6.90
N VAL A 125 1.75 -0.76 -6.77
CA VAL A 125 1.10 -0.15 -5.59
C VAL A 125 -0.17 0.55 -6.03
N ALA A 126 -0.12 1.39 -7.05
CA ALA A 126 -1.29 2.21 -7.40
C ALA A 126 -1.13 2.78 -8.81
N THR A 127 -2.21 3.34 -9.33
CA THR A 127 -2.22 4.11 -10.60
C THR A 127 -2.65 5.52 -10.30
N VAL A 128 -1.94 6.51 -10.87
CA VAL A 128 -2.31 7.94 -10.73
C VAL A 128 -3.72 8.15 -11.29
N LYS A 129 -4.59 8.81 -10.53
CA LYS A 129 -5.99 9.14 -10.90
C LYS A 129 -6.06 10.60 -11.36
N GLU A 130 -5.40 11.51 -10.64
CA GLU A 130 -5.50 12.98 -10.83
C GLU A 130 -4.17 13.63 -10.45
N VAL A 131 -3.75 14.62 -11.24
CA VAL A 131 -2.66 15.56 -10.88
C VAL A 131 -3.27 16.97 -10.82
N ILE A 132 -3.13 17.65 -9.68
CA ILE A 132 -3.63 19.04 -9.51
C ILE A 132 -2.43 19.93 -9.19
N HIS A 133 -2.20 20.94 -10.03
CA HIS A 133 -1.06 21.88 -9.88
C HIS A 133 -1.46 23.00 -8.93
N ASP A 134 -0.55 23.41 -8.07
CA ASP A 134 -0.82 24.44 -7.04
C ASP A 134 0.21 25.55 -7.18
N SER A 135 -0.23 26.68 -7.75
CA SER A 135 0.55 27.93 -7.91
C SER A 135 1.08 28.38 -6.56
N GLY A 136 2.40 28.48 -6.43
CA GLY A 136 3.10 29.00 -5.24
C GLY A 136 3.59 27.88 -4.34
N GLN A 137 3.11 26.65 -4.52
CA GLN A 137 3.51 25.47 -3.71
C GLN A 137 4.49 24.62 -4.50
N PRO A 138 5.57 24.15 -3.87
CA PRO A 138 6.60 23.39 -4.56
C PRO A 138 6.15 22.02 -5.08
N PHE A 139 5.18 21.39 -4.42
CA PHE A 139 4.77 20.00 -4.70
C PHE A 139 3.37 20.01 -5.31
N ALA A 140 3.15 19.17 -6.33
CA ALA A 140 1.83 18.92 -6.94
C ALA A 140 0.98 18.07 -6.00
N VAL A 141 -0.34 18.11 -6.21
CA VAL A 141 -1.34 17.23 -5.54
C VAL A 141 -1.54 16.01 -6.45
N VAL A 142 -1.22 14.80 -5.97
CA VAL A 142 -1.33 13.59 -6.81
C VAL A 142 -2.18 12.57 -6.05
N ARG A 143 -3.34 12.24 -6.61
CA ARG A 143 -4.27 11.22 -6.06
C ARG A 143 -4.12 9.94 -6.89
N ALA A 144 -4.17 8.79 -6.23
CA ALA A 144 -3.93 7.49 -6.89
C ALA A 144 -4.87 6.43 -6.32
N VAL A 145 -5.08 5.39 -7.11
CA VAL A 145 -5.97 4.26 -6.75
C VAL A 145 -5.11 3.01 -6.59
N PRO A 146 -5.15 2.34 -5.43
CA PRO A 146 -4.42 1.10 -5.23
C PRO A 146 -4.81 0.05 -6.26
N THR A 147 -3.83 -0.74 -6.70
CA THR A 147 -4.06 -1.84 -7.66
C THR A 147 -4.48 -3.11 -6.93
N ALA A 148 -4.13 -3.27 -5.65
CA ALA A 148 -4.63 -4.37 -4.80
C ALA A 148 -6.11 -4.17 -4.53
N LYS A 149 -6.81 -5.26 -4.23
CA LYS A 149 -8.27 -5.25 -3.99
C LYS A 149 -8.54 -4.87 -2.53
N MET A 150 -7.49 -4.76 -1.74
CA MET A 150 -7.51 -4.24 -0.36
C MET A 150 -8.58 -4.98 0.44
N ASN A 151 -9.53 -4.22 0.98
CA ASN A 151 -10.55 -4.75 1.92
C ASN A 151 -11.45 -5.70 1.13
N ARG A 152 -11.08 -6.07 -0.11
CA ARG A 152 -11.88 -6.93 -1.04
C ARG A 152 -11.06 -8.08 -1.67
N SER A 153 -9.81 -8.34 -1.26
CA SER A 153 -8.91 -9.38 -1.86
C SER A 153 -9.39 -10.79 -1.50
N ARG A 154 -9.10 -11.78 -2.36
CA ARG A 154 -9.34 -13.22 -2.07
C ARG A 154 -8.09 -13.79 -1.40
N TYR A 155 -7.04 -14.03 -2.19
CA TYR A 155 -5.75 -14.60 -1.70
C TYR A 155 -4.87 -13.46 -1.19
N VAL A 156 -4.74 -13.35 0.13
CA VAL A 156 -3.80 -12.36 0.73
C VAL A 156 -2.48 -13.04 1.00
N LEU A 157 -1.41 -12.57 0.36
CA LEU A 157 -0.11 -13.28 0.30
C LEU A 157 0.86 -12.67 1.32
N LEU A 158 1.59 -13.51 2.05
CA LEU A 158 2.58 -13.02 3.04
C LEU A 158 3.95 -13.45 2.54
N VAL A 159 4.86 -12.48 2.36
CA VAL A 159 6.24 -12.67 1.84
C VAL A 159 7.13 -13.03 3.02
N PHE A 160 7.94 -14.07 2.88
CA PHE A 160 8.99 -14.46 3.87
C PHE A 160 10.37 -14.03 3.36
#